data_3III
#
_entry.id   3III
#
_cell.length_a   74.498
_cell.length_b   74.498
_cell.length_c   210.681
_cell.angle_alpha   90.00
_cell.angle_beta   90.00
_cell.angle_gamma   90.00
#
_symmetry.space_group_name_H-M   'P 41 21 2'
#
loop_
_entity.id
_entity.type
_entity.pdbx_description
1 polymer 'CocE/NonD family hydrolase'
2 non-polymer 'NICKEL (II) ION'
3 non-polymer 'CHLORIDE ION'
4 non-polymer 'PALMITIC ACID'
5 water water
#
_entity_poly.entity_id   1
_entity_poly.type   'polypeptide(L)'
_entity_poly.pdbx_seq_one_letter_code
;(MSE)NQHLLGNPKLTVTHVNEVKAGINHIVVDSVQYGNQE(MSE)I(MSE)EKDGTVE(MSE)RDGEKLYINIFRPNKD
GKFPVV(MSE)SADTYGKDNKPKITN(MSE)GALWPTLGTIPTSSFTPEESPDPGFWVPNDYVVVKVALRGSDKSKGVLS
PWSKREAEDYYEVIEWAANQSWSNGNIGTNGVSYLAVTQWWVASLNPPHLKA(MSE)IPWEGLND(MSE)YREVAFHGGI
PDTGFYRFWTQGIFARWTDNPNIEDLIQAQQEHPLFDDFWKQRQVPLSQIKTPLLTCASWSTQGLHNRGSFEGFKQAASE
EKWLYVHGRKEWESYYARENLERQKSFFDFYLKEENNDWKDTPHVIYEVRDQFYKGEFKSASAFPLPNAEYTPLYLNAEN
HTLNHAKISSAHVAQYDSEDKQQDVSFKYTFDKDTELVGN(MSE)NLKLWVSTKDSDD(MSE)DLFAGIKKLDRRGNEVN
FPDFNHIENGQVATGWLRVSHRELDQEKSSIAQPWHKHETELKLSQDEIVPVEIELLPSGTLFKQGETLEVVVKGSEIVI
GNSTPG(MSE)KTRYEHEETVNKG(MSE)H(MSE)IYTGGKYDSQLIIPIVN
;
_entity_poly.pdbx_strand_id   A
#
loop_
_chem_comp.id
_chem_comp.type
_chem_comp.name
_chem_comp.formula
CL non-polymer 'CHLORIDE ION' 'Cl -1'
NI non-polymer 'NICKEL (II) ION' 'Ni 2'
PLM non-polymer 'PALMITIC ACID' 'C16 H32 O2'
#
# COMPACT_ATOMS: atom_id res chain seq x y z
N GLN A 3 -2.94 2.93 38.90
CA GLN A 3 -2.54 1.50 38.55
C GLN A 3 -1.43 1.51 37.47
N HIS A 4 -1.03 0.31 37.03
CA HIS A 4 0.26 0.20 36.40
C HIS A 4 0.33 0.85 35.02
N LEU A 5 -0.83 1.06 34.38
CA LEU A 5 -0.86 1.69 33.07
C LEU A 5 -0.63 3.22 33.15
N LEU A 6 -0.52 3.81 34.35
CA LEU A 6 -0.03 5.21 34.48
C LEU A 6 1.51 5.24 34.52
N GLY A 7 2.10 4.07 34.69
CA GLY A 7 3.54 3.94 34.74
C GLY A 7 4.12 4.51 36.03
N ASN A 8 5.43 4.68 36.03
CA ASN A 8 6.13 5.08 37.21
C ASN A 8 6.97 6.32 36.96
N PRO A 9 6.46 7.48 37.34
CA PRO A 9 7.14 8.72 37.00
C PRO A 9 8.41 8.97 37.80
N LYS A 10 8.75 8.02 38.71
CA LYS A 10 9.98 8.06 39.51
C LYS A 10 11.19 7.55 38.75
N LEU A 11 10.95 6.85 37.65
CA LEU A 11 12.01 6.23 36.89
C LEU A 11 12.45 7.24 35.86
N THR A 12 13.69 7.10 35.40
CA THR A 12 14.20 7.83 34.23
C THR A 12 14.07 6.90 33.02
N VAL A 13 13.66 7.44 31.89
CA VAL A 13 13.61 6.73 30.66
C VAL A 13 15.03 6.36 30.18
N THR A 14 15.16 5.11 29.72
CA THR A 14 16.41 4.58 29.18
C THR A 14 16.64 5.29 27.85
N HIS A 15 17.81 5.90 27.75
CA HIS A 15 18.18 6.68 26.60
C HIS A 15 18.64 5.50 25.59
N VAL A 16 17.94 5.34 24.45
CA VAL A 16 18.01 4.09 23.60
C VAL A 16 19.36 3.80 22.92
N ASN A 17 20.06 4.85 22.55
CA ASN A 17 21.39 4.71 22.01
C ASN A 17 22.41 4.20 23.05
N GLU A 18 22.02 4.10 24.32
CA GLU A 18 22.97 3.61 25.33
C GLU A 18 22.84 2.13 25.75
N VAL A 19 21.80 1.47 25.26
CA VAL A 19 21.55 0.06 25.56
C VAL A 19 22.63 -0.83 24.88
N LYS A 20 23.09 -1.83 25.59
CA LYS A 20 24.14 -2.70 25.05
C LYS A 20 23.58 -4.09 24.83
N ALA A 21 24.35 -4.93 24.13
CA ALA A 21 23.91 -6.30 23.80
C ALA A 21 23.60 -7.06 25.07
N GLY A 22 22.63 -7.95 24.99
CA GLY A 22 22.27 -8.80 26.13
C GLY A 22 20.95 -8.39 26.75
N ILE A 23 20.73 -8.90 27.95
CA ILE A 23 19.48 -8.66 28.68
C ILE A 23 19.59 -7.36 29.44
N ASN A 24 18.67 -6.45 29.22
CA ASN A 24 18.66 -5.14 29.84
C ASN A 24 17.32 -4.90 30.54
N HIS A 25 17.38 -4.26 31.69
CA HIS A 25 16.16 -3.70 32.29
C HIS A 25 16.09 -2.27 31.89
N ILE A 26 15.05 -1.90 31.16
CA ILE A 26 14.94 -0.58 30.62
C ILE A 26 13.62 0.06 31.07
N VAL A 27 13.52 1.37 30.87
CA VAL A 27 12.31 2.14 31.10
C VAL A 27 11.97 2.84 29.77
N VAL A 28 10.77 2.63 29.28
CA VAL A 28 10.31 3.08 27.93
C VAL A 28 9.44 4.30 28.13
N ASP A 29 9.61 5.28 27.25
CA ASP A 29 8.76 6.48 27.21
C ASP A 29 7.48 6.12 26.45
N SER A 30 6.56 5.40 27.09
CA SER A 30 5.35 4.99 26.42
C SER A 30 4.46 6.23 26.15
N VAL A 31 3.90 6.28 24.96
CA VAL A 31 2.97 7.33 24.51
C VAL A 31 1.63 7.28 25.30
N GLN A 32 1.19 6.06 25.63
CA GLN A 32 -0.10 5.83 26.26
C GLN A 32 0.00 5.70 27.77
N TYR A 33 1.11 5.11 28.25
CA TYR A 33 1.18 4.58 29.58
C TYR A 33 2.37 5.08 30.43
N GLY A 34 2.91 6.23 30.07
CA GLY A 34 3.96 6.87 30.86
C GLY A 34 5.28 6.07 30.91
N ASN A 35 6.03 6.20 32.00
CA ASN A 35 7.29 5.49 32.12
C ASN A 35 7.08 4.00 32.45
N GLN A 36 7.46 3.14 31.52
CA GLN A 36 7.16 1.71 31.64
C GLN A 36 8.42 0.84 31.66
N GLU A 37 8.62 0.18 32.78
N GLU A 37 8.62 0.23 32.72
CA GLU A 37 9.70 -0.80 32.99
CA GLU A 37 9.69 -0.73 32.91
C GLU A 37 9.43 -2.12 32.26
C GLU A 37 9.45 -2.07 32.24
N MSE A 38 10.46 -2.66 31.64
CA MSE A 38 10.38 -3.88 30.98
C MSE A 38 11.81 -4.34 30.75
O MSE A 38 12.75 -3.60 31.05
CB MSE A 38 9.65 -3.74 29.64
CG MSE A 38 10.36 -2.89 28.62
SE MSE A 38 9.12 -2.65 27.05
CE MSE A 38 7.73 -1.44 27.92
N ILE A 39 11.92 -5.54 30.21
CA ILE A 39 13.17 -6.11 29.75
C ILE A 39 13.33 -5.93 28.25
N MSE A 40 14.51 -5.50 27.82
CA MSE A 40 14.91 -5.57 26.43
C MSE A 40 16.17 -6.43 26.30
O MSE A 40 17.24 -6.13 26.91
CB MSE A 40 15.15 -4.16 25.87
CG MSE A 40 15.52 -4.17 24.39
SE MSE A 40 16.41 -2.49 23.89
CE MSE A 40 16.53 -2.82 21.94
N GLU A 41 16.06 -7.49 25.54
CA GLU A 41 17.21 -8.31 25.14
C GLU A 41 17.62 -7.79 23.80
N LYS A 42 18.83 -7.26 23.74
CA LYS A 42 19.32 -6.66 22.53
C LYS A 42 20.35 -7.56 21.85
N ASP A 43 20.21 -7.67 20.53
CA ASP A 43 21.13 -8.46 19.72
C ASP A 43 21.12 -9.96 19.95
N GLY A 44 20.01 -10.52 20.37
CA GLY A 44 19.83 -11.98 20.26
C GLY A 44 19.89 -12.44 18.82
N THR A 45 20.23 -13.71 18.60
CA THR A 45 20.33 -14.25 17.24
C THR A 45 19.44 -15.45 17.09
N VAL A 46 18.93 -15.66 15.89
CA VAL A 46 18.24 -16.89 15.53
C VAL A 46 18.97 -17.49 14.33
N GLU A 47 19.22 -18.79 14.38
CA GLU A 47 20.05 -19.41 13.32
C GLU A 47 19.15 -20.05 12.28
N MSE A 48 19.36 -19.69 11.00
CA MSE A 48 18.62 -20.23 9.88
C MSE A 48 19.12 -21.64 9.51
O MSE A 48 20.24 -22.07 9.91
CB MSE A 48 18.73 -19.33 8.66
CG MSE A 48 18.36 -17.89 8.89
SE MSE A 48 16.44 -17.66 9.34
CE MSE A 48 16.59 -17.88 11.35
N ARG A 49 18.35 -22.32 8.67
CA ARG A 49 18.71 -23.70 8.25
C ARG A 49 20.08 -23.73 7.60
N ASP A 50 20.45 -22.70 6.87
CA ASP A 50 21.79 -22.68 6.25
C ASP A 50 22.95 -22.20 7.16
N GLY A 51 22.65 -21.92 8.42
CA GLY A 51 23.66 -21.43 9.38
C GLY A 51 23.70 -19.92 9.51
N GLU A 52 23.06 -19.18 8.61
CA GLU A 52 23.04 -17.72 8.75
C GLU A 52 22.37 -17.31 10.06
N LYS A 53 22.97 -16.31 10.71
CA LYS A 53 22.35 -15.71 11.90
C LYS A 53 21.55 -14.46 11.58
N LEU A 54 20.33 -14.38 12.09
CA LEU A 54 19.53 -13.16 12.03
C LEU A 54 19.52 -12.55 13.43
N TYR A 55 19.60 -11.23 13.46
CA TYR A 55 19.66 -10.47 14.70
C TYR A 55 18.34 -9.87 15.07
N ILE A 56 18.02 -9.95 16.35
CA ILE A 56 16.70 -9.45 16.87
C ILE A 56 16.84 -8.68 18.17
N ASN A 57 15.78 -7.96 18.51
CA ASN A 57 15.56 -7.48 19.86
C ASN A 57 14.26 -8.08 20.39
N ILE A 58 14.22 -8.35 21.68
CA ILE A 58 13.04 -8.84 22.34
C ILE A 58 12.67 -7.90 23.50
N PHE A 59 11.46 -7.35 23.47
CA PHE A 59 10.95 -6.55 24.58
C PHE A 59 9.89 -7.37 25.26
N ARG A 60 10.03 -7.55 26.57
CA ARG A 60 9.13 -8.38 27.33
C ARG A 60 8.91 -7.90 28.74
N PRO A 61 7.77 -8.30 29.33
CA PRO A 61 7.52 -7.93 30.69
C PRO A 61 8.60 -8.45 31.63
N ASN A 62 8.97 -7.61 32.60
CA ASN A 62 9.90 -8.00 33.63
C ASN A 62 9.21 -8.85 34.68
N LYS A 63 8.84 -10.06 34.28
CA LYS A 63 8.27 -11.03 35.15
C LYS A 63 8.32 -12.37 34.44
N ASP A 64 8.32 -13.42 35.24
CA ASP A 64 8.13 -14.79 34.74
C ASP A 64 6.77 -14.89 34.06
N GLY A 65 6.67 -15.83 33.13
CA GLY A 65 5.41 -16.13 32.52
C GLY A 65 5.53 -16.26 31.04
N LYS A 66 4.42 -16.66 30.44
CA LYS A 66 4.30 -16.88 29.00
C LYS A 66 3.33 -15.90 28.41
N PHE A 67 3.71 -15.24 27.30
CA PHE A 67 2.93 -14.15 26.74
C PHE A 67 2.69 -14.31 25.28
N PRO A 68 1.59 -13.74 24.77
CA PRO A 68 1.50 -13.67 23.31
C PRO A 68 2.59 -12.79 22.74
N VAL A 69 2.99 -13.09 21.50
CA VAL A 69 4.10 -12.43 20.87
C VAL A 69 3.68 -11.64 19.61
N VAL A 70 4.02 -10.35 19.61
CA VAL A 70 3.84 -9.46 18.48
C VAL A 70 5.19 -9.36 17.78
N MSE A 71 5.24 -9.59 16.47
CA MSE A 71 6.50 -9.58 15.73
C MSE A 71 6.43 -8.72 14.49
O MSE A 71 5.35 -8.60 13.89
CB MSE A 71 6.86 -10.99 15.30
CG MSE A 71 8.27 -11.11 14.70
SE MSE A 71 8.69 -13.02 14.35
CE MSE A 71 8.76 -13.64 16.22
N SER A 72 7.53 -8.03 14.16
CA SER A 72 7.69 -7.42 12.87
C SER A 72 9.09 -7.67 12.34
N ALA A 73 9.21 -7.62 11.01
CA ALA A 73 10.51 -7.88 10.36
C ALA A 73 10.71 -7.05 9.08
N ASP A 74 11.94 -6.53 8.92
CA ASP A 74 12.31 -5.75 7.78
C ASP A 74 13.85 -5.72 7.68
N THR A 75 14.32 -5.04 6.66
CA THR A 75 15.74 -4.82 6.46
C THR A 75 16.16 -3.36 6.63
N TYR A 76 15.36 -2.57 7.33
CA TYR A 76 15.65 -1.15 7.53
C TYR A 76 16.50 -0.82 8.76
N GLY A 77 16.75 -1.78 9.65
CA GLY A 77 17.47 -1.51 10.88
C GLY A 77 16.56 -1.74 12.07
N LYS A 78 16.88 -2.74 12.90
CA LYS A 78 16.10 -3.06 14.10
C LYS A 78 16.34 -2.07 15.27
N ASP A 79 17.43 -1.32 15.23
CA ASP A 79 17.73 -0.39 16.29
C ASP A 79 17.58 1.07 15.89
N ASN A 80 16.87 1.31 14.79
CA ASN A 80 16.62 2.69 14.40
C ASN A 80 15.86 3.48 15.48
N LYS A 81 16.48 4.58 15.92
CA LYS A 81 15.78 5.57 16.70
C LYS A 81 14.86 6.36 15.72
N PRO A 82 13.54 6.41 16.01
CA PRO A 82 12.68 7.14 15.04
C PRO A 82 13.12 8.62 14.86
N LYS A 83 13.08 9.15 13.65
CA LYS A 83 13.55 10.51 13.41
C LYS A 83 12.52 11.54 13.88
N ASN A 86 14.21 17.16 12.91
CA ASN A 86 13.76 18.22 11.99
C ASN A 86 12.80 17.72 10.88
N MSE A 87 12.14 16.58 11.12
CA MSE A 87 11.14 16.05 10.18
C MSE A 87 9.97 16.99 9.94
O MSE A 87 9.39 17.02 8.86
CB MSE A 87 10.64 14.69 10.67
CG MSE A 87 10.28 13.71 9.56
SE MSE A 87 11.73 13.42 8.22
CE MSE A 87 13.30 13.36 9.42
N GLY A 88 9.64 17.81 10.95
CA GLY A 88 8.57 18.81 10.84
C GLY A 88 8.79 19.75 9.69
N ALA A 89 10.06 20.11 9.47
CA ALA A 89 10.42 21.05 8.42
C ALA A 89 10.75 20.32 7.11
N LEU A 90 11.26 19.11 7.22
CA LEU A 90 11.77 18.40 6.04
C LEU A 90 10.72 17.58 5.33
N TRP A 91 9.73 17.06 6.05
CA TRP A 91 8.64 16.30 5.44
C TRP A 91 7.36 16.66 6.24
N PRO A 92 6.81 17.86 6.02
CA PRO A 92 5.77 18.44 6.87
C PRO A 92 4.45 17.73 6.82
N THR A 93 4.21 16.99 5.75
CA THR A 93 2.92 16.37 5.49
C THR A 93 2.81 14.94 6.02
N LEU A 94 3.83 14.48 6.76
CA LEU A 94 3.82 13.13 7.38
C LEU A 94 2.74 12.91 8.41
N GLY A 95 2.25 13.99 9.00
CA GLY A 95 1.18 13.91 9.95
C GLY A 95 1.68 13.71 11.38
N THR A 96 0.80 13.32 12.26
CA THR A 96 1.18 13.17 13.67
C THR A 96 1.42 11.75 14.02
N ILE A 97 2.66 11.47 14.45
CA ILE A 97 3.13 10.10 14.57
C ILE A 97 3.75 9.91 15.97
N PRO A 98 2.92 9.60 16.97
CA PRO A 98 3.46 9.49 18.32
C PRO A 98 3.94 8.07 18.63
N THR A 99 5.22 7.94 18.97
CA THR A 99 5.74 6.62 19.37
C THR A 99 6.78 6.81 20.47
N SER A 100 7.05 5.71 21.20
CA SER A 100 8.21 5.72 22.07
C SER A 100 9.51 5.76 21.26
N SER A 101 10.59 6.05 21.95
CA SER A 101 11.90 6.08 21.31
C SER A 101 12.43 4.67 20.96
N PHE A 102 11.68 3.62 21.31
CA PHE A 102 12.11 2.22 21.06
C PHE A 102 11.28 1.59 19.90
N THR A 103 10.81 2.43 18.99
CA THR A 103 9.97 2.06 17.88
C THR A 103 10.60 2.52 16.54
N PRO A 104 11.35 1.63 15.86
CA PRO A 104 11.74 1.91 14.50
C PRO A 104 10.49 2.15 13.68
N GLU A 105 10.62 3.02 12.68
CA GLU A 105 9.46 3.50 11.93
C GLU A 105 8.59 2.37 11.43
N GLU A 106 7.30 2.44 11.73
CA GLU A 106 6.37 1.48 11.17
C GLU A 106 6.18 0.24 11.99
N SER A 107 6.99 0.09 13.04
CA SER A 107 7.01 -1.08 13.87
C SER A 107 5.97 -0.96 14.99
N PRO A 108 5.52 -2.12 15.49
CA PRO A 108 4.76 -2.11 16.76
C PRO A 108 5.58 -1.54 17.89
N ASP A 109 4.99 -0.65 18.68
CA ASP A 109 5.70 0.10 19.71
C ASP A 109 5.68 -0.73 20.98
N PRO A 110 6.83 -1.14 21.47
CA PRO A 110 6.78 -1.89 22.73
C PRO A 110 6.20 -1.12 23.93
N GLY A 111 6.20 0.21 23.89
CA GLY A 111 5.62 1.01 24.93
C GLY A 111 4.08 0.90 24.95
N PHE A 112 3.51 0.40 23.85
CA PHE A 112 2.03 0.12 23.82
C PHE A 112 1.76 -1.34 24.13
N TRP A 113 2.50 -2.23 23.48
CA TRP A 113 2.16 -3.65 23.57
C TRP A 113 2.63 -4.30 24.85
N VAL A 114 3.85 -4.02 25.26
CA VAL A 114 4.40 -4.69 26.42
C VAL A 114 3.65 -4.38 27.73
N PRO A 115 3.20 -3.16 27.97
CA PRO A 115 2.42 -2.91 29.19
C PRO A 115 1.08 -3.63 29.17
N ASN A 116 0.63 -4.00 27.99
CA ASN A 116 -0.61 -4.83 27.86
C ASN A 116 -0.31 -6.34 27.92
N ASP A 117 0.87 -6.70 28.44
CA ASP A 117 1.28 -8.10 28.62
C ASP A 117 1.35 -8.87 27.34
N TYR A 118 2.01 -8.25 26.37
CA TYR A 118 2.49 -8.90 25.15
C TYR A 118 4.02 -8.83 25.15
N VAL A 119 4.63 -9.74 24.43
CA VAL A 119 6.04 -9.64 24.08
C VAL A 119 6.12 -8.99 22.68
N VAL A 120 7.12 -8.11 22.44
CA VAL A 120 7.42 -7.61 21.10
C VAL A 120 8.79 -8.09 20.63
N VAL A 121 8.83 -8.71 19.44
CA VAL A 121 10.13 -9.17 18.87
C VAL A 121 10.34 -8.36 17.62
N LYS A 122 11.52 -7.76 17.51
CA LYS A 122 11.87 -6.93 16.33
C LYS A 122 12.96 -7.66 15.59
N VAL A 123 12.71 -8.00 14.33
CA VAL A 123 13.56 -8.86 13.55
C VAL A 123 14.28 -8.04 12.48
N ALA A 124 15.61 -8.18 12.47
CA ALA A 124 16.43 -7.78 11.36
C ALA A 124 16.57 -8.96 10.40
N LEU A 125 15.97 -8.85 9.20
CA LEU A 125 16.01 -9.94 8.22
C LEU A 125 17.39 -10.03 7.62
N ARG A 126 17.60 -11.13 6.90
CA ARG A 126 18.89 -11.45 6.28
C ARG A 126 19.37 -10.25 5.44
N GLY A 127 20.68 -9.99 5.56
CA GLY A 127 21.32 -8.87 4.86
C GLY A 127 21.33 -7.54 5.60
N SER A 128 20.57 -7.47 6.69
CA SER A 128 20.47 -6.27 7.51
C SER A 128 21.03 -6.53 8.90
N ASP A 129 21.41 -5.43 9.52
CA ASP A 129 22.08 -5.42 10.81
C ASP A 129 23.41 -6.17 10.70
N LYS A 130 23.69 -7.08 11.62
CA LYS A 130 24.98 -7.77 11.60
C LYS A 130 24.99 -8.93 10.60
N SER A 131 23.85 -9.21 9.97
CA SER A 131 23.83 -10.17 8.88
C SER A 131 24.34 -9.51 7.61
N LYS A 132 25.36 -10.08 7.01
CA LYS A 132 25.86 -9.61 5.71
C LYS A 132 25.54 -10.63 4.63
N GLY A 133 24.47 -11.40 4.82
CA GLY A 133 23.96 -12.34 3.80
C GLY A 133 23.16 -11.66 2.69
N VAL A 134 22.61 -12.49 1.79
CA VAL A 134 21.81 -12.04 0.67
C VAL A 134 20.61 -11.22 1.17
N LEU A 135 20.45 -10.04 0.60
CA LEU A 135 19.33 -9.15 0.93
C LEU A 135 18.52 -9.07 -0.34
N SER A 136 17.45 -9.87 -0.38
CA SER A 136 16.54 -9.93 -1.51
C SER A 136 15.15 -9.55 -1.00
N PRO A 137 14.82 -8.28 -1.06
CA PRO A 137 13.58 -7.78 -0.47
C PRO A 137 12.33 -8.39 -1.07
N TRP A 138 11.36 -8.74 -0.22
CA TRP A 138 10.01 -9.09 -0.71
C TRP A 138 10.10 -10.28 -1.64
N SER A 139 10.79 -11.34 -1.15
CA SER A 139 10.99 -12.56 -1.85
C SER A 139 10.59 -13.76 -0.99
N LYS A 140 10.52 -14.92 -1.60
CA LYS A 140 10.21 -16.11 -0.89
C LYS A 140 11.36 -16.49 0.06
N ARG A 141 12.60 -16.36 -0.39
CA ARG A 141 13.75 -16.64 0.48
C ARG A 141 13.74 -15.76 1.73
N GLU A 142 13.28 -14.53 1.62
CA GLU A 142 13.16 -13.69 2.79
C GLU A 142 12.00 -14.18 3.70
N ALA A 143 10.88 -14.49 3.09
CA ALA A 143 9.77 -15.14 3.77
C ALA A 143 10.18 -16.44 4.55
N GLU A 144 11.03 -17.26 3.94
CA GLU A 144 11.48 -18.50 4.61
C GLU A 144 12.26 -18.21 5.89
N ASP A 145 13.08 -17.15 5.87
CA ASP A 145 13.84 -16.74 7.05
C ASP A 145 12.88 -16.28 8.15
N TYR A 146 11.91 -15.46 7.77
CA TYR A 146 10.85 -14.96 8.68
C TYR A 146 10.08 -16.12 9.33
N TYR A 147 9.72 -17.11 8.53
CA TYR A 147 9.08 -18.28 9.05
C TYR A 147 9.91 -18.94 10.15
N GLU A 148 11.23 -19.09 9.93
CA GLU A 148 12.07 -19.67 10.99
C GLU A 148 12.02 -18.88 12.31
N VAL A 149 11.99 -17.56 12.22
CA VAL A 149 11.99 -16.74 13.40
C VAL A 149 10.65 -16.86 14.14
N ILE A 150 9.53 -16.94 13.40
CA ILE A 150 8.20 -17.16 13.99
C ILE A 150 8.20 -18.43 14.79
N GLU A 151 8.67 -19.51 14.19
CA GLU A 151 8.65 -20.82 14.83
C GLU A 151 9.61 -20.90 16.01
N TRP A 152 10.74 -20.20 15.93
CA TRP A 152 11.68 -20.10 17.05
C TRP A 152 11.03 -19.39 18.27
N ALA A 153 10.38 -18.27 17.99
CA ALA A 153 9.70 -17.46 18.98
C ALA A 153 8.65 -18.26 19.72
N ALA A 154 7.96 -19.16 19.01
CA ALA A 154 6.91 -19.96 19.60
C ALA A 154 7.42 -20.93 20.64
N ASN A 155 8.70 -21.22 20.62
CA ASN A 155 9.29 -22.14 21.54
C ASN A 155 10.09 -21.51 22.70
N GLN A 156 10.08 -20.21 22.85
CA GLN A 156 10.83 -19.58 23.90
C GLN A 156 10.08 -19.54 25.25
N SER A 157 10.84 -19.40 26.30
CA SER A 157 10.30 -19.49 27.66
C SER A 157 9.21 -18.43 27.92
N TRP A 158 9.33 -17.27 27.29
CA TRP A 158 8.38 -16.18 27.47
C TRP A 158 7.20 -16.20 26.51
N SER A 159 7.06 -17.26 25.72
CA SER A 159 6.06 -17.29 24.66
C SER A 159 4.93 -18.26 25.00
N ASN A 160 3.72 -17.79 24.81
CA ASN A 160 2.54 -18.64 24.96
C ASN A 160 2.26 -19.48 23.73
N GLY A 161 3.15 -19.40 22.73
CA GLY A 161 3.00 -20.22 21.52
C GLY A 161 2.29 -19.52 20.34
N ASN A 162 1.65 -18.39 20.59
CA ASN A 162 0.87 -17.67 19.60
C ASN A 162 1.62 -16.39 19.16
N ILE A 163 2.01 -16.40 17.90
CA ILE A 163 2.68 -15.27 17.29
C ILE A 163 1.71 -14.57 16.32
N GLY A 164 1.66 -13.27 16.43
CA GLY A 164 0.94 -12.41 15.52
C GLY A 164 1.92 -11.38 14.94
N THR A 165 1.86 -11.19 13.64
CA THR A 165 2.70 -10.19 12.99
C THR A 165 1.96 -8.90 12.75
N ASN A 166 2.71 -7.79 12.71
CA ASN A 166 2.09 -6.47 12.69
C ASN A 166 3.07 -5.44 12.22
N GLY A 167 2.64 -4.49 11.41
CA GLY A 167 3.51 -3.45 10.97
C GLY A 167 3.12 -2.87 9.61
N VAL A 168 3.83 -1.80 9.22
CA VAL A 168 3.45 -0.95 8.08
C VAL A 168 4.50 -1.06 6.98
N SER A 169 4.01 -0.98 5.76
CA SER A 169 4.83 -0.83 4.54
C SER A 169 5.70 -2.09 4.39
N TYR A 170 7.03 -2.00 4.38
CA TYR A 170 7.90 -3.21 4.24
C TYR A 170 7.47 -4.26 5.31
N LEU A 171 7.15 -3.79 6.52
CA LEU A 171 6.74 -4.63 7.63
C LEU A 171 5.37 -5.32 7.41
N ALA A 172 4.58 -4.79 6.48
CA ALA A 172 3.34 -5.41 6.00
C ALA A 172 3.57 -6.35 4.83
N VAL A 173 4.39 -5.94 3.87
CA VAL A 173 4.66 -6.79 2.69
C VAL A 173 5.26 -8.14 3.13
N THR A 174 6.19 -8.09 4.09
CA THR A 174 6.82 -9.32 4.61
C THR A 174 5.79 -10.25 5.30
N GLN A 175 4.71 -9.68 5.80
CA GLN A 175 3.61 -10.51 6.39
C GLN A 175 2.84 -11.23 5.32
N TRP A 176 2.48 -10.55 4.22
CA TRP A 176 1.82 -11.28 3.14
C TRP A 176 2.71 -12.44 2.72
N TRP A 177 3.97 -12.14 2.52
CA TRP A 177 4.94 -13.19 2.18
C TRP A 177 4.99 -14.38 3.17
N VAL A 178 5.31 -14.13 4.44
CA VAL A 178 5.50 -15.27 5.37
C VAL A 178 4.18 -16.04 5.59
N ALA A 179 3.05 -15.32 5.58
CA ALA A 179 1.75 -15.97 5.76
C ALA A 179 1.43 -16.94 4.61
N SER A 180 1.97 -16.66 3.42
CA SER A 180 1.75 -17.57 2.28
C SER A 180 2.41 -18.97 2.51
N LEU A 181 3.37 -19.03 3.43
CA LEU A 181 4.02 -20.26 3.82
C LEU A 181 3.31 -21.02 5.00
N ASN A 182 2.32 -20.38 5.62
N ASN A 182 2.23 -20.43 5.54
CA ASN A 182 1.54 -20.92 6.72
CA ASN A 182 1.49 -20.89 6.75
C ASN A 182 2.39 -21.44 7.90
C ASN A 182 2.43 -21.42 7.84
N PRO A 183 3.12 -20.52 8.57
CA PRO A 183 3.87 -20.96 9.73
C PRO A 183 2.88 -21.48 10.79
N PRO A 184 3.12 -22.68 11.37
CA PRO A 184 2.12 -23.26 12.28
C PRO A 184 1.77 -22.38 13.51
N HIS A 185 2.72 -21.58 14.01
CA HIS A 185 2.44 -20.71 15.17
C HIS A 185 2.13 -19.27 14.84
N LEU A 186 1.99 -18.93 13.55
CA LEU A 186 1.47 -17.63 13.15
C LEU A 186 -0.06 -17.75 13.30
N LYS A 187 -0.61 -17.12 14.32
CA LYS A 187 -2.01 -17.22 14.68
C LYS A 187 -2.86 -16.01 14.25
N ALA A 188 -2.22 -14.93 13.80
CA ALA A 188 -2.93 -13.70 13.38
C ALA A 188 -1.95 -12.78 12.66
N MSE A 189 -2.45 -11.90 11.80
CA MSE A 189 -1.60 -10.97 11.06
C MSE A 189 -2.30 -9.66 10.82
O MSE A 189 -3.53 -9.63 10.58
CB MSE A 189 -1.17 -11.58 9.71
CG MSE A 189 -2.35 -11.94 8.86
SE MSE A 189 -1.86 -12.97 7.23
CE MSE A 189 -0.71 -11.52 6.37
N ILE A 190 -1.52 -8.58 10.89
CA ILE A 190 -2.01 -7.22 10.67
C ILE A 190 -1.07 -6.55 9.63
N PRO A 191 -1.27 -6.88 8.33
CA PRO A 191 -0.52 -6.19 7.29
C PRO A 191 -1.14 -4.81 7.10
N TRP A 192 -0.55 -3.81 7.76
CA TRP A 192 -1.11 -2.49 7.78
C TRP A 192 -0.49 -1.68 6.63
N GLU A 193 -1.13 -1.75 5.46
CA GLU A 193 -0.64 -1.12 4.21
C GLU A 193 0.61 -1.83 3.68
N GLY A 194 0.37 -2.86 2.87
CA GLY A 194 1.46 -3.49 2.14
C GLY A 194 1.11 -4.07 0.80
N LEU A 195 1.95 -3.76 -0.21
CA LEU A 195 1.86 -4.36 -1.51
C LEU A 195 2.23 -5.84 -1.44
N ASN A 196 1.96 -6.56 -2.52
CA ASN A 196 2.40 -7.94 -2.62
C ASN A 196 2.64 -8.46 -4.06
N ASP A 197 2.70 -7.55 -5.04
CA ASP A 197 3.04 -7.84 -6.43
C ASP A 197 3.92 -6.72 -6.94
N MSE A 198 5.21 -6.89 -6.82
CA MSE A 198 6.14 -5.80 -7.09
C MSE A 198 6.02 -5.28 -8.50
O MSE A 198 6.11 -4.07 -8.70
CB MSE A 198 7.60 -6.22 -6.84
CG MSE A 198 7.92 -6.32 -5.40
SE MSE A 198 9.84 -6.80 -5.11
CE MSE A 198 10.64 -5.05 -5.76
N TYR A 199 5.90 -6.17 -9.48
CA TYR A 199 5.81 -5.71 -10.85
C TYR A 199 4.64 -4.72 -11.08
N ARG A 200 3.48 -5.01 -10.50
CA ARG A 200 2.29 -4.23 -10.75
C ARG A 200 2.14 -3.07 -9.84
N GLU A 201 2.89 -3.06 -8.74
CA GLU A 201 2.55 -2.14 -7.65
C GLU A 201 3.61 -1.11 -7.32
N VAL A 202 4.88 -1.40 -7.60
CA VAL A 202 5.96 -0.45 -7.28
C VAL A 202 7.02 -0.30 -8.41
N ALA A 203 7.47 -1.42 -9.01
CA ALA A 203 8.49 -1.41 -10.09
C ALA A 203 7.96 -0.76 -11.39
N PHE A 204 6.67 -1.00 -11.69
CA PHE A 204 6.02 -0.47 -12.87
C PHE A 204 4.58 -0.19 -12.55
N HIS A 205 4.06 0.84 -13.15
CA HIS A 205 2.62 1.07 -13.08
C HIS A 205 2.04 0.89 -14.46
N GLY A 206 1.19 -0.14 -14.63
CA GLY A 206 0.66 -0.40 -15.97
C GLY A 206 1.74 -0.70 -16.97
N GLY A 207 2.88 -1.25 -16.51
CA GLY A 207 3.99 -1.44 -17.41
C GLY A 207 4.96 -0.26 -17.56
N ILE A 208 4.62 0.90 -16.98
CA ILE A 208 5.50 2.10 -17.13
C ILE A 208 6.43 2.08 -15.89
N PRO A 209 7.77 2.06 -16.07
CA PRO A 209 8.69 1.98 -14.95
C PRO A 209 8.66 3.18 -14.02
N ASP A 210 8.65 2.91 -12.72
CA ASP A 210 8.72 3.95 -11.72
C ASP A 210 10.18 4.38 -11.65
N THR A 211 10.44 5.61 -12.03
CA THR A 211 11.79 6.17 -11.99
C THR A 211 12.01 7.03 -10.71
N GLY A 212 11.00 7.07 -9.87
CA GLY A 212 11.06 7.82 -8.65
C GLY A 212 11.21 6.97 -7.42
N PHE A 213 10.11 6.87 -6.67
CA PHE A 213 10.10 6.13 -5.40
C PHE A 213 10.81 4.75 -5.43
N TYR A 214 10.49 3.94 -6.44
CA TYR A 214 11.11 2.60 -6.56
C TYR A 214 12.62 2.64 -6.48
N ARG A 215 13.20 3.55 -7.21
CA ARG A 215 14.63 3.73 -7.28
C ARG A 215 15.17 4.37 -6.01
N PHE A 216 14.45 5.34 -5.47
CA PHE A 216 14.81 5.97 -4.19
C PHE A 216 14.86 4.92 -3.05
N TRP A 217 13.86 4.05 -3.06
CA TRP A 217 13.69 3.01 -2.07
C TRP A 217 14.83 2.01 -2.21
N THR A 218 15.05 1.56 -3.43
CA THR A 218 16.11 0.61 -3.67
C THR A 218 17.46 1.15 -3.22
N GLN A 219 17.78 2.37 -3.64
CA GLN A 219 19.02 3.03 -3.29
C GLN A 219 19.20 3.21 -1.80
N GLY A 220 18.11 3.52 -1.14
CA GLY A 220 18.05 3.61 0.30
C GLY A 220 18.50 2.35 1.05
N ILE A 221 18.09 1.19 0.55
CA ILE A 221 18.49 -0.09 1.12
C ILE A 221 20.01 -0.27 0.94
N PHE A 222 20.49 -0.05 -0.29
CA PHE A 222 21.91 -0.10 -0.56
C PHE A 222 22.71 0.85 0.35
N ALA A 223 22.21 2.08 0.55
CA ALA A 223 22.88 3.09 1.40
C ALA A 223 22.87 2.71 2.90
N ARG A 224 21.87 1.94 3.31
CA ARG A 224 21.73 1.58 4.70
C ARG A 224 22.81 0.56 5.13
N TRP A 225 23.27 -0.30 4.22
CA TRP A 225 24.19 -1.45 4.56
C TRP A 225 25.32 -1.50 3.54
N THR A 226 26.13 -0.45 3.52
CA THR A 226 27.14 -0.33 2.50
C THR A 226 28.21 -1.42 2.63
N ASP A 227 28.34 -2.05 3.78
CA ASP A 227 29.34 -3.09 3.91
C ASP A 227 28.80 -4.51 3.61
N ASN A 228 27.59 -4.58 3.08
CA ASN A 228 27.03 -5.85 2.60
C ASN A 228 27.15 -5.86 1.07
N PRO A 229 28.01 -6.73 0.52
CA PRO A 229 28.14 -6.84 -0.92
C PRO A 229 27.06 -7.70 -1.61
N ASN A 230 26.08 -8.22 -0.87
CA ASN A 230 25.16 -9.22 -1.36
C ASN A 230 23.72 -8.70 -1.45
N ILE A 231 23.58 -7.40 -1.68
CA ILE A 231 22.25 -6.77 -1.74
C ILE A 231 21.80 -6.88 -3.20
N GLU A 232 20.58 -7.34 -3.43
CA GLU A 232 20.08 -7.55 -4.77
C GLU A 232 19.95 -6.22 -5.49
N ASP A 233 20.41 -6.15 -6.75
CA ASP A 233 20.38 -4.91 -7.51
C ASP A 233 19.03 -4.78 -8.24
N LEU A 234 18.09 -4.17 -7.55
CA LEU A 234 16.73 -4.07 -8.04
C LEU A 234 16.62 -2.96 -9.07
N ILE A 235 17.59 -2.06 -9.14
CA ILE A 235 17.61 -1.05 -10.21
C ILE A 235 17.82 -1.81 -11.55
N GLN A 236 18.83 -2.65 -11.57
CA GLN A 236 19.13 -3.43 -12.78
C GLN A 236 17.99 -4.43 -13.11
N ALA A 237 17.33 -4.98 -12.08
CA ALA A 237 16.25 -5.95 -12.28
C ALA A 237 15.12 -5.24 -13.05
N GLN A 238 14.86 -3.98 -12.69
CA GLN A 238 13.82 -3.18 -13.37
C GLN A 238 14.20 -2.91 -14.82
N GLN A 239 15.47 -2.61 -15.06
CA GLN A 239 15.92 -2.41 -16.42
C GLN A 239 15.71 -3.66 -17.28
N GLU A 240 16.13 -4.81 -16.77
CA GLU A 240 16.24 -5.99 -17.60
C GLU A 240 15.02 -6.94 -17.57
N HIS A 241 14.02 -6.61 -16.76
CA HIS A 241 12.78 -7.39 -16.71
C HIS A 241 11.56 -6.45 -16.93
N PRO A 242 11.39 -5.98 -18.16
CA PRO A 242 10.31 -4.99 -18.43
C PRO A 242 8.87 -5.60 -18.43
N LEU A 243 8.79 -6.92 -18.45
CA LEU A 243 7.53 -7.65 -18.55
C LEU A 243 7.40 -8.51 -17.29
N PHE A 244 6.20 -9.04 -17.09
CA PHE A 244 5.88 -9.87 -15.92
C PHE A 244 6.36 -11.28 -16.27
N ASP A 245 7.65 -11.54 -16.07
CA ASP A 245 8.28 -12.78 -16.52
C ASP A 245 8.56 -13.69 -15.32
N ASP A 246 9.39 -14.73 -15.46
CA ASP A 246 9.61 -15.64 -14.33
C ASP A 246 10.21 -14.90 -13.12
N PHE A 247 11.12 -13.97 -13.37
CA PHE A 247 11.67 -13.12 -12.29
C PHE A 247 10.59 -12.45 -11.44
N TRP A 248 9.71 -11.69 -12.09
CA TRP A 248 8.68 -10.95 -11.37
C TRP A 248 7.57 -11.84 -10.82
N LYS A 249 7.28 -12.98 -11.47
CA LYS A 249 6.29 -13.91 -10.91
C LYS A 249 6.70 -14.42 -9.54
N GLN A 250 8.00 -14.55 -9.29
CA GLN A 250 8.51 -14.92 -7.97
C GLN A 250 8.39 -13.79 -6.94
N ARG A 251 7.96 -12.60 -7.38
CA ARG A 251 7.74 -11.45 -6.48
C ARG A 251 6.26 -11.01 -6.38
N GLN A 252 5.40 -11.93 -6.78
CA GLN A 252 4.00 -11.85 -6.59
C GLN A 252 3.61 -12.90 -5.56
N VAL A 253 3.16 -12.45 -4.39
CA VAL A 253 2.81 -13.40 -3.35
C VAL A 253 1.62 -14.28 -3.81
N PRO A 254 1.68 -15.62 -3.57
CA PRO A 254 0.53 -16.52 -3.82
C PRO A 254 -0.48 -16.40 -2.67
N LEU A 255 -1.29 -15.36 -2.77
CA LEU A 255 -2.15 -14.90 -1.67
C LEU A 255 -3.22 -15.92 -1.24
N SER A 256 -3.70 -16.74 -2.17
CA SER A 256 -4.71 -17.73 -1.86
C SER A 256 -4.21 -18.87 -0.95
N GLN A 257 -2.92 -18.98 -0.78
CA GLN A 257 -2.34 -19.86 0.22
C GLN A 257 -2.51 -19.36 1.65
N ILE A 258 -2.81 -18.08 1.81
CA ILE A 258 -2.92 -17.52 3.19
C ILE A 258 -4.21 -18.00 3.86
N LYS A 259 -4.05 -18.62 5.02
CA LYS A 259 -5.18 -19.04 5.85
C LYS A 259 -5.33 -18.36 7.22
N THR A 260 -4.31 -17.60 7.60
CA THR A 260 -4.18 -17.00 8.94
C THR A 260 -5.25 -15.91 9.18
N PRO A 261 -5.85 -15.89 10.38
CA PRO A 261 -6.74 -14.78 10.70
C PRO A 261 -6.09 -13.42 10.43
N LEU A 262 -6.85 -12.54 9.83
CA LEU A 262 -6.31 -11.40 9.09
C LEU A 262 -7.07 -10.10 9.33
N LEU A 263 -6.35 -9.07 9.73
CA LEU A 263 -6.79 -7.69 9.79
C LEU A 263 -5.92 -6.87 8.82
N THR A 264 -6.49 -6.46 7.69
CA THR A 264 -5.82 -5.67 6.70
C THR A 264 -6.16 -4.22 6.82
N CYS A 265 -5.17 -3.35 6.70
CA CYS A 265 -5.50 -1.94 6.43
C CYS A 265 -5.07 -1.62 5.01
N ALA A 266 -6.00 -1.02 4.27
CA ALA A 266 -5.77 -0.34 2.97
C ALA A 266 -6.09 1.14 3.10
N SER A 267 -5.54 1.96 2.24
CA SER A 267 -5.81 3.39 2.30
C SER A 267 -6.04 3.90 0.89
N TRP A 268 -7.06 4.74 0.74
CA TRP A 268 -7.24 5.48 -0.49
C TRP A 268 -6.04 6.41 -0.81
N SER A 269 -5.23 6.73 0.19
CA SER A 269 -4.15 7.74 0.09
C SER A 269 -2.75 7.20 -0.40
N THR A 270 -2.69 5.92 -0.75
N THR A 270 -2.69 5.92 -0.73
N THR A 270 -2.66 5.91 -0.69
CA THR A 270 -1.42 5.25 -1.06
CA THR A 270 -1.43 5.26 -1.07
CA THR A 270 -1.37 5.28 -1.08
C THR A 270 -1.47 4.59 -2.47
C THR A 270 -1.50 4.59 -2.45
C THR A 270 -1.48 4.59 -2.46
N GLN A 271 -2.25 5.21 -3.36
CA GLN A 271 -2.39 4.72 -4.75
C GLN A 271 -1.06 4.96 -5.42
N GLY A 272 -0.47 3.88 -5.94
CA GLY A 272 0.86 3.92 -6.51
C GLY A 272 1.91 3.22 -5.71
N LEU A 273 1.58 2.84 -4.48
CA LEU A 273 2.45 1.97 -3.69
C LEU A 273 1.61 0.84 -3.07
N HIS A 274 1.12 1.00 -1.86
CA HIS A 274 0.47 -0.14 -1.16
C HIS A 274 -1.00 -0.41 -1.41
N ASN A 275 -1.74 0.55 -1.96
CA ASN A 275 -3.18 0.46 -2.04
C ASN A 275 -3.64 -0.78 -2.81
N ARG A 276 -3.13 -0.98 -4.02
CA ARG A 276 -3.65 -2.06 -4.87
C ARG A 276 -3.53 -3.40 -4.16
N GLY A 277 -2.34 -3.67 -3.64
CA GLY A 277 -2.02 -4.95 -3.04
C GLY A 277 -2.62 -5.15 -1.66
N SER A 278 -2.92 -4.04 -0.96
CA SER A 278 -3.62 -4.13 0.31
C SER A 278 -4.98 -4.76 0.05
N PHE A 279 -5.67 -4.27 -0.98
CA PHE A 279 -6.99 -4.82 -1.34
C PHE A 279 -6.85 -6.21 -1.91
N GLU A 280 -5.83 -6.45 -2.78
CA GLU A 280 -5.63 -7.79 -3.31
C GLU A 280 -5.43 -8.83 -2.21
N GLY A 281 -4.68 -8.45 -1.16
CA GLY A 281 -4.39 -9.37 -0.06
C GLY A 281 -5.67 -9.74 0.63
N PHE A 282 -6.46 -8.73 0.96
CA PHE A 282 -7.74 -9.00 1.64
C PHE A 282 -8.65 -9.87 0.78
N LYS A 283 -8.75 -9.54 -0.49
CA LYS A 283 -9.68 -10.22 -1.40
C LYS A 283 -9.29 -11.66 -1.62
N GLN A 284 -8.01 -11.91 -1.89
CA GLN A 284 -7.53 -13.22 -2.34
C GLN A 284 -7.18 -14.20 -1.22
N ALA A 285 -6.84 -13.68 -0.03
CA ALA A 285 -6.53 -14.54 1.10
C ALA A 285 -7.67 -15.59 1.27
N ALA A 286 -7.30 -16.84 1.55
CA ALA A 286 -8.24 -17.92 1.81
C ALA A 286 -8.73 -17.91 3.26
N SER A 287 -8.13 -17.08 4.09
CA SER A 287 -8.49 -16.96 5.51
C SER A 287 -9.99 -16.94 5.80
N GLU A 288 -10.48 -17.84 6.65
CA GLU A 288 -11.90 -17.86 6.97
C GLU A 288 -12.30 -16.68 7.86
N GLU A 289 -11.31 -16.05 8.51
CA GLU A 289 -11.55 -14.99 9.48
C GLU A 289 -10.70 -13.79 9.02
N LYS A 290 -11.29 -12.85 8.31
CA LYS A 290 -10.56 -11.72 7.79
C LYS A 290 -11.40 -10.44 7.82
N TRP A 291 -10.72 -9.32 8.07
CA TRP A 291 -11.33 -8.02 8.17
C TRP A 291 -10.50 -7.01 7.43
N LEU A 292 -11.16 -5.97 6.93
CA LEU A 292 -10.48 -4.91 6.22
C LEU A 292 -10.91 -3.56 6.79
N TYR A 293 -9.93 -2.68 7.00
CA TYR A 293 -10.20 -1.31 7.42
C TYR A 293 -9.58 -0.37 6.38
N VAL A 294 -10.38 0.53 5.82
CA VAL A 294 -9.94 1.49 4.79
C VAL A 294 -10.15 2.92 5.25
N HIS A 295 -9.11 3.72 5.14
CA HIS A 295 -9.22 5.15 5.42
C HIS A 295 -8.59 5.99 4.32
N GLY A 296 -8.97 7.27 4.28
CA GLY A 296 -8.43 8.25 3.35
C GLY A 296 -7.56 9.32 4.04
N ARG A 297 -6.79 8.87 5.02
CA ARG A 297 -5.91 9.73 5.82
C ARG A 297 -4.45 9.30 5.64
N LYS A 298 -3.55 9.75 6.53
CA LYS A 298 -2.13 9.52 6.37
C LYS A 298 -1.69 8.15 6.96
N GLU A 299 -0.63 7.58 6.43
CA GLU A 299 -0.24 6.17 6.63
C GLU A 299 0.20 5.80 8.03
N TRP A 300 1.36 6.29 8.44
CA TRP A 300 1.89 5.99 9.77
C TRP A 300 1.06 6.70 10.84
N GLU A 301 0.55 7.89 10.55
CA GLU A 301 -0.35 8.57 11.48
C GLU A 301 -1.56 7.69 11.89
N SER A 302 -2.19 7.03 10.91
CA SER A 302 -3.34 6.25 11.19
C SER A 302 -2.96 4.94 11.95
N TYR A 303 -1.81 4.34 11.63
CA TYR A 303 -1.36 3.14 12.28
C TYR A 303 -1.21 3.33 13.79
N TYR A 304 -0.62 4.47 14.16
CA TYR A 304 -0.27 4.76 15.54
C TYR A 304 -1.35 5.52 16.28
N ALA A 305 -2.43 5.89 15.60
CA ALA A 305 -3.54 6.57 16.26
C ALA A 305 -4.13 5.65 17.31
N ARG A 306 -4.48 6.20 18.45
CA ARG A 306 -4.96 5.38 19.57
C ARG A 306 -6.16 4.48 19.17
N GLU A 307 -7.14 4.99 18.43
CA GLU A 307 -8.25 4.11 18.09
C GLU A 307 -7.82 2.91 17.28
N ASN A 308 -6.77 3.05 16.43
CA ASN A 308 -6.32 1.91 15.62
C ASN A 308 -5.42 0.97 16.38
N LEU A 309 -4.67 1.51 17.36
CA LEU A 309 -3.94 0.62 18.29
C LEU A 309 -4.96 -0.21 19.08
N GLU A 310 -6.08 0.40 19.50
CA GLU A 310 -7.03 -0.33 20.28
C GLU A 310 -7.71 -1.42 19.40
N ARG A 311 -7.89 -1.11 18.12
CA ARG A 311 -8.49 -2.08 17.17
C ARG A 311 -7.55 -3.28 16.99
N GLN A 312 -6.29 -2.97 16.75
CA GLN A 312 -5.21 -4.00 16.63
C GLN A 312 -5.19 -4.89 17.86
N LYS A 313 -5.28 -4.25 19.03
CA LYS A 313 -5.19 -4.96 20.29
C LYS A 313 -6.43 -5.85 20.50
N SER A 314 -7.61 -5.37 20.10
CA SER A 314 -8.80 -6.16 20.25
C SER A 314 -8.70 -7.47 19.40
N PHE A 315 -8.17 -7.33 18.19
CA PHE A 315 -7.97 -8.45 17.26
C PHE A 315 -6.95 -9.43 17.85
N PHE A 316 -5.84 -8.90 18.34
CA PHE A 316 -4.80 -9.76 18.92
C PHE A 316 -5.23 -10.37 20.27
N ASP A 317 -6.02 -9.67 21.09
CA ASP A 317 -6.49 -10.24 22.33
C ASP A 317 -7.37 -11.45 21.99
N PHE A 318 -8.15 -11.35 20.91
CA PHE A 318 -8.97 -12.51 20.50
C PHE A 318 -8.08 -13.65 20.01
N TYR A 319 -7.15 -13.38 19.09
CA TYR A 319 -6.40 -14.45 18.41
C TYR A 319 -5.14 -14.90 19.14
N LEU A 320 -4.43 -14.00 19.81
CA LEU A 320 -3.19 -14.36 20.47
C LEU A 320 -3.39 -14.65 21.96
N LYS A 321 -4.31 -13.95 22.63
CA LYS A 321 -4.60 -14.24 24.04
C LYS A 321 -5.73 -15.25 24.16
N GLU A 322 -6.44 -15.51 23.06
CA GLU A 322 -7.60 -16.40 23.09
C GLU A 322 -8.69 -15.96 24.06
N GLU A 323 -8.89 -14.66 24.11
CA GLU A 323 -9.90 -14.06 24.97
C GLU A 323 -11.22 -14.00 24.22
N ASN A 324 -12.31 -14.30 24.92
CA ASN A 324 -13.61 -14.29 24.31
C ASN A 324 -14.15 -12.86 24.35
N ASN A 325 -13.56 -11.98 23.56
CA ASN A 325 -14.00 -10.61 23.54
C ASN A 325 -15.00 -10.52 22.38
N ASP A 326 -15.39 -9.35 21.99
CA ASP A 326 -16.43 -9.36 20.95
C ASP A 326 -15.84 -9.03 19.57
N TRP A 327 -14.59 -9.44 19.36
CA TRP A 327 -13.90 -9.04 18.08
C TRP A 327 -14.71 -9.38 16.84
N LYS A 328 -15.27 -10.58 16.82
CA LYS A 328 -15.94 -11.07 15.65
C LYS A 328 -17.26 -10.37 15.36
N ASP A 329 -17.71 -9.48 16.24
CA ASP A 329 -18.82 -8.58 15.90
C ASP A 329 -18.42 -7.54 14.84
N THR A 330 -17.12 -7.32 14.65
CA THR A 330 -16.64 -6.32 13.74
C THR A 330 -17.11 -6.63 12.32
N PRO A 331 -17.72 -5.63 11.64
CA PRO A 331 -18.07 -5.81 10.25
C PRO A 331 -16.84 -6.15 9.41
N HIS A 332 -16.98 -7.01 8.39
CA HIS A 332 -15.76 -7.43 7.64
C HIS A 332 -15.07 -6.31 6.90
N VAL A 333 -15.79 -5.25 6.57
CA VAL A 333 -15.16 -4.09 5.93
C VAL A 333 -15.64 -2.80 6.60
N ILE A 334 -14.70 -1.96 6.99
CA ILE A 334 -15.01 -0.65 7.47
C ILE A 334 -14.24 0.29 6.51
N TYR A 335 -14.93 1.27 5.94
CA TYR A 335 -14.29 2.15 4.97
C TYR A 335 -14.72 3.59 5.09
N GLU A 336 -13.80 4.51 4.77
CA GLU A 336 -14.13 5.95 4.68
C GLU A 336 -14.71 6.31 3.33
N VAL A 337 -15.82 7.03 3.34
CA VAL A 337 -16.29 7.72 2.15
C VAL A 337 -15.76 9.17 2.24
N ARG A 338 -14.77 9.51 1.43
CA ARG A 338 -14.09 10.81 1.57
C ARG A 338 -15.02 11.87 0.95
N ASP A 339 -15.16 13.01 1.61
CA ASP A 339 -15.87 14.16 1.03
C ASP A 339 -14.86 15.29 0.65
N GLN A 340 -14.04 15.70 1.62
CA GLN A 340 -12.95 16.64 1.44
C GLN A 340 -11.70 16.10 2.18
N PHE A 341 -10.62 16.87 2.13
CA PHE A 341 -9.34 16.50 2.77
C PHE A 341 -9.64 16.35 4.26
N TYR A 342 -9.36 15.16 4.81
CA TYR A 342 -9.61 14.91 6.27
C TYR A 342 -11.05 15.18 6.71
N LYS A 343 -11.96 14.93 5.79
CA LYS A 343 -13.40 15.06 6.10
C LYS A 343 -14.10 13.92 5.37
N GLY A 344 -14.70 13.04 6.12
CA GLY A 344 -15.47 11.92 5.52
C GLY A 344 -16.26 11.15 6.55
N GLU A 345 -16.94 10.11 6.12
CA GLU A 345 -17.81 9.34 6.97
C GLU A 345 -17.38 7.88 6.85
N PHE A 346 -17.27 7.17 7.97
CA PHE A 346 -16.94 5.79 7.92
C PHE A 346 -18.23 4.95 7.89
N LYS A 347 -18.24 3.98 7.00
CA LYS A 347 -19.35 3.07 6.80
C LYS A 347 -18.84 1.62 6.88
N SER A 348 -19.75 0.63 6.83
CA SER A 348 -19.33 -0.77 6.91
C SER A 348 -20.06 -1.62 5.89
N ALA A 349 -19.44 -2.74 5.52
CA ALA A 349 -20.03 -3.72 4.61
C ALA A 349 -19.56 -5.14 4.95
N SER A 350 -20.17 -6.14 4.32
CA SER A 350 -19.90 -7.53 4.61
C SER A 350 -18.77 -8.08 3.72
N ALA A 351 -18.40 -7.31 2.69
CA ALA A 351 -17.46 -7.78 1.69
C ALA A 351 -16.79 -6.62 0.94
N PHE A 352 -15.62 -6.88 0.38
CA PHE A 352 -15.04 -6.03 -0.66
C PHE A 352 -14.63 -6.90 -1.82
N PRO A 353 -14.99 -6.54 -3.06
CA PRO A 353 -15.83 -5.38 -3.47
C PRO A 353 -17.16 -5.35 -2.76
N LEU A 354 -17.67 -4.15 -2.55
CA LEU A 354 -18.97 -3.96 -1.89
C LEU A 354 -20.09 -4.71 -2.58
N PRO A 355 -20.84 -5.51 -1.80
CA PRO A 355 -21.85 -6.35 -2.47
C PRO A 355 -22.97 -5.55 -3.10
N ASN A 356 -23.21 -4.33 -2.67
CA ASN A 356 -24.20 -3.51 -3.35
C ASN A 356 -23.68 -2.57 -4.47
N ALA A 357 -22.47 -2.80 -4.98
CA ALA A 357 -21.93 -1.87 -5.97
C ALA A 357 -22.69 -2.07 -7.28
N GLU A 358 -23.07 -0.99 -7.96
CA GLU A 358 -23.71 -1.03 -9.29
C GLU A 358 -22.75 -0.43 -10.26
N TYR A 359 -22.13 -1.28 -11.06
CA TYR A 359 -21.05 -0.83 -11.93
C TYR A 359 -21.72 -0.14 -13.12
N THR A 360 -21.50 1.18 -13.27
CA THR A 360 -22.36 1.99 -14.13
C THR A 360 -21.45 2.68 -15.15
N PRO A 361 -21.75 2.52 -16.45
CA PRO A 361 -20.90 3.17 -17.42
C PRO A 361 -21.29 4.61 -17.62
N LEU A 362 -20.29 5.47 -17.76
CA LEU A 362 -20.46 6.82 -18.29
C LEU A 362 -19.62 6.94 -19.59
N TYR A 363 -20.29 7.20 -20.71
CA TYR A 363 -19.64 7.21 -22.03
C TYR A 363 -18.98 8.56 -22.34
N LEU A 364 -17.74 8.51 -22.82
CA LEU A 364 -16.96 9.71 -23.12
C LEU A 364 -17.39 10.25 -24.47
N ASN A 365 -17.41 11.58 -24.60
CA ASN A 365 -17.65 12.26 -25.87
C ASN A 365 -16.45 13.22 -26.09
N ALA A 366 -15.62 12.94 -27.09
CA ALA A 366 -14.40 13.75 -27.42
C ALA A 366 -14.68 15.18 -27.91
N GLU A 367 -15.88 15.42 -28.42
CA GLU A 367 -16.23 16.73 -28.99
C GLU A 367 -16.51 17.80 -27.97
N ASN A 368 -17.08 17.41 -26.84
CA ASN A 368 -17.54 18.39 -25.86
C ASN A 368 -17.10 18.13 -24.40
N HIS A 369 -15.97 17.44 -24.21
N HIS A 369 -16.17 17.18 -24.26
CA HIS A 369 -15.46 17.12 -22.85
CA HIS A 369 -15.48 16.94 -23.01
C HIS A 369 -16.53 16.61 -21.85
C HIS A 369 -16.48 16.58 -21.91
N THR A 370 -17.37 15.66 -22.28
CA THR A 370 -18.42 15.14 -21.39
C THR A 370 -18.36 13.66 -21.20
N LEU A 371 -18.89 13.25 -20.02
CA LEU A 371 -19.21 11.89 -19.68
C LEU A 371 -20.73 11.83 -19.64
N ASN A 372 -21.29 10.73 -20.12
CA ASN A 372 -22.69 10.68 -20.43
C ASN A 372 -23.37 9.38 -20.03
N HIS A 373 -24.63 9.43 -19.58
N HIS A 373 -24.62 9.47 -19.58
CA HIS A 373 -25.42 8.25 -19.33
CA HIS A 373 -25.47 8.30 -19.37
C HIS A 373 -25.67 7.39 -20.56
C HIS A 373 -25.64 7.43 -20.58
N ALA A 374 -25.88 8.04 -21.74
CA ALA A 374 -26.21 7.34 -22.98
C ALA A 374 -24.97 7.17 -23.80
N LYS A 375 -24.95 6.16 -24.68
CA LYS A 375 -23.85 5.96 -25.62
C LYS A 375 -23.78 7.09 -26.60
N ILE A 376 -22.60 7.36 -27.15
CA ILE A 376 -22.44 8.41 -28.12
C ILE A 376 -22.45 7.75 -29.49
N SER A 377 -23.34 8.18 -30.37
CA SER A 377 -23.66 7.42 -31.56
C SER A 377 -22.64 7.49 -32.69
N SER A 378 -21.94 8.62 -32.82
CA SER A 378 -20.98 8.78 -33.92
C SER A 378 -19.49 9.05 -33.50
N ALA A 379 -18.60 8.37 -34.22
CA ALA A 379 -17.18 8.28 -33.91
C ALA A 379 -16.54 9.63 -34.16
N HIS A 380 -15.89 10.16 -33.12
CA HIS A 380 -15.07 11.36 -33.19
C HIS A 380 -13.77 11.16 -32.48
N VAL A 381 -12.81 12.04 -32.74
CA VAL A 381 -11.48 11.87 -32.20
C VAL A 381 -10.99 13.13 -31.52
N ALA A 382 -10.38 12.97 -30.35
CA ALA A 382 -9.72 14.09 -29.66
C ALA A 382 -8.23 13.77 -29.56
N GLN A 383 -7.48 14.78 -29.17
CA GLN A 383 -6.04 14.78 -29.42
C GLN A 383 -5.34 15.59 -28.35
N TYR A 384 -4.16 15.16 -27.89
CA TYR A 384 -3.36 16.04 -27.06
C TYR A 384 -1.92 15.75 -27.40
N ASP A 385 -1.05 16.74 -27.20
CA ASP A 385 0.41 16.51 -27.37
C ASP A 385 0.92 15.73 -26.13
N SER A 386 1.35 14.49 -26.32
CA SER A 386 1.82 13.62 -25.24
C SER A 386 3.10 14.13 -24.55
N GLU A 387 3.88 14.98 -25.20
CA GLU A 387 5.09 15.57 -24.61
C GLU A 387 4.90 16.96 -23.99
N ASP A 388 3.71 17.56 -24.14
CA ASP A 388 3.44 18.86 -23.54
C ASP A 388 2.73 18.62 -22.22
N LYS A 389 3.46 18.87 -21.13
CA LYS A 389 2.94 18.65 -19.77
C LYS A 389 1.73 19.50 -19.43
N GLN A 390 1.37 20.43 -20.29
CA GLN A 390 0.23 21.29 -20.02
C GLN A 390 -1.00 20.83 -20.78
N GLN A 391 -0.89 19.79 -21.57
CA GLN A 391 -1.98 19.36 -22.42
C GLN A 391 -2.52 18.03 -21.90
N ASP A 392 -3.82 17.91 -21.98
CA ASP A 392 -4.53 16.70 -21.63
C ASP A 392 -5.88 16.70 -22.31
N VAL A 393 -6.64 15.60 -22.22
CA VAL A 393 -8.05 15.71 -22.57
C VAL A 393 -8.84 15.39 -21.33
N SER A 394 -10.00 16.01 -21.16
CA SER A 394 -10.79 15.73 -19.99
C SER A 394 -12.28 15.65 -20.27
N PHE A 395 -12.99 14.99 -19.36
CA PHE A 395 -14.39 14.62 -19.51
C PHE A 395 -15.13 14.69 -18.20
N LYS A 396 -16.26 15.38 -18.19
CA LYS A 396 -16.93 15.71 -16.93
C LYS A 396 -18.36 15.26 -16.89
N TYR A 397 -18.79 14.90 -15.68
CA TYR A 397 -20.17 14.63 -15.34
C TYR A 397 -20.53 15.31 -14.01
N THR A 398 -21.60 16.11 -14.02
CA THR A 398 -22.08 16.78 -12.82
C THR A 398 -23.25 15.98 -12.26
N PHE A 399 -23.16 15.63 -10.98
CA PHE A 399 -24.19 14.78 -10.34
C PHE A 399 -25.43 15.56 -10.01
N ASP A 400 -26.55 14.90 -10.25
CA ASP A 400 -27.87 15.45 -9.92
C ASP A 400 -28.31 15.03 -8.54
N LYS A 401 -27.59 14.13 -7.91
CA LYS A 401 -27.90 13.72 -6.53
C LYS A 401 -26.63 13.20 -5.89
N ASP A 402 -26.60 13.24 -4.57
CA ASP A 402 -25.47 12.69 -3.83
C ASP A 402 -25.20 11.24 -4.27
N THR A 403 -23.95 10.95 -4.66
CA THR A 403 -23.58 9.64 -5.16
C THR A 403 -22.30 9.21 -4.52
N GLU A 404 -22.26 7.99 -4.00
CA GLU A 404 -21.02 7.41 -3.44
C GLU A 404 -20.38 6.41 -4.38
N LEU A 405 -19.12 6.65 -4.70
CA LEU A 405 -18.32 5.76 -5.52
C LEU A 405 -17.26 5.11 -4.64
N VAL A 406 -17.36 3.79 -4.45
CA VAL A 406 -16.42 3.07 -3.60
C VAL A 406 -15.99 1.80 -4.27
N GLY A 407 -14.73 1.73 -4.64
CA GLY A 407 -14.18 0.59 -5.32
C GLY A 407 -13.29 0.95 -6.50
N ASN A 408 -13.11 -0.05 -7.38
CA ASN A 408 -12.32 0.13 -8.60
C ASN A 408 -13.11 0.89 -9.64
N MSE A 409 -12.41 1.57 -10.54
CA MSE A 409 -13.04 2.11 -11.76
C MSE A 409 -12.19 1.69 -12.92
O MSE A 409 -10.97 1.50 -12.77
CB MSE A 409 -13.11 3.62 -11.72
CG MSE A 409 -13.61 4.19 -10.40
SE MSE A 409 -14.14 6.12 -10.64
CE MSE A 409 -13.90 6.72 -8.71
N ASN A 410 -12.83 1.61 -14.08
CA ASN A 410 -12.22 1.09 -15.29
C ASN A 410 -12.45 2.14 -16.35
N LEU A 411 -11.34 2.64 -16.90
CA LEU A 411 -11.42 3.59 -17.99
C LEU A 411 -11.08 2.89 -19.32
N LYS A 412 -12.11 2.69 -20.15
CA LYS A 412 -11.95 2.09 -21.46
C LYS A 412 -11.76 3.19 -22.49
N LEU A 413 -10.65 3.13 -23.20
CA LEU A 413 -10.37 4.06 -24.28
C LEU A 413 -10.04 3.37 -25.58
N TRP A 414 -10.41 3.99 -26.69
CA TRP A 414 -9.87 3.65 -27.97
C TRP A 414 -8.82 4.69 -28.39
N VAL A 415 -7.61 4.22 -28.72
CA VAL A 415 -6.48 5.11 -28.85
C VAL A 415 -5.60 4.73 -30.06
N SER A 416 -4.88 5.71 -30.61
CA SER A 416 -3.87 5.51 -31.61
C SER A 416 -2.82 6.60 -31.52
N THR A 417 -1.69 6.40 -32.21
CA THR A 417 -0.57 7.34 -32.22
C THR A 417 0.11 7.22 -33.60
N LYS A 418 0.69 8.30 -34.04
CA LYS A 418 1.33 8.36 -35.31
C LYS A 418 2.84 8.35 -35.24
N ASP A 419 3.40 8.96 -34.20
CA ASP A 419 4.84 9.22 -34.15
C ASP A 419 5.64 8.27 -33.32
N SER A 420 4.99 7.27 -32.73
CA SER A 420 5.67 6.30 -31.88
C SER A 420 5.03 4.96 -32.15
N ASP A 421 5.64 3.89 -31.67
CA ASP A 421 5.02 2.59 -31.75
C ASP A 421 4.46 2.13 -30.40
N ASP A 422 4.28 3.08 -29.47
CA ASP A 422 3.74 2.81 -28.14
C ASP A 422 3.28 4.11 -27.50
N MSE A 423 2.47 3.99 -26.45
CA MSE A 423 1.94 5.12 -25.75
C MSE A 423 1.95 4.85 -24.24
O MSE A 423 1.62 3.77 -23.81
CB MSE A 423 0.48 5.37 -26.17
CG MSE A 423 0.33 5.54 -27.65
SE MSE A 423 -1.58 5.42 -28.17
CE MSE A 423 -2.21 7.23 -27.50
N ASP A 424 2.35 5.85 -23.48
CA ASP A 424 2.18 5.84 -22.05
C ASP A 424 1.00 6.72 -21.70
N LEU A 425 -0.05 6.12 -21.12
CA LEU A 425 -1.27 6.83 -20.77
C LEU A 425 -1.39 6.96 -19.24
N PHE A 426 -1.67 8.18 -18.82
CA PHE A 426 -1.79 8.56 -17.44
C PHE A 426 -3.23 8.98 -17.26
N ALA A 427 -3.95 8.25 -16.43
CA ALA A 427 -5.35 8.55 -16.13
C ALA A 427 -5.51 9.06 -14.73
N GLY A 428 -6.50 9.93 -14.58
CA GLY A 428 -6.90 10.41 -13.30
C GLY A 428 -8.37 10.71 -13.17
N ILE A 429 -8.86 10.51 -11.94
CA ILE A 429 -10.21 10.93 -11.56
C ILE A 429 -10.08 12.07 -10.57
N LYS A 430 -10.80 13.15 -10.84
CA LYS A 430 -10.81 14.36 -9.96
C LYS A 430 -12.26 14.64 -9.56
N LYS A 431 -12.43 15.32 -8.43
CA LYS A 431 -13.72 15.84 -7.99
C LYS A 431 -13.61 17.33 -8.01
N LEU A 432 -14.64 17.99 -8.55
CA LEU A 432 -14.71 19.41 -8.62
C LEU A 432 -15.93 19.84 -7.81
N ASP A 433 -15.77 20.90 -7.00
CA ASP A 433 -16.82 21.25 -6.06
C ASP A 433 -17.87 22.03 -6.85
N ARG A 434 -18.91 22.51 -6.17
CA ARG A 434 -19.99 23.24 -6.83
C ARG A 434 -19.54 24.58 -7.42
N ARG A 435 -18.39 25.10 -7.02
N ARG A 435 -18.39 25.10 -7.02
CA ARG A 435 -17.85 26.30 -7.66
CA ARG A 435 -17.81 26.30 -7.64
C ARG A 435 -17.01 25.95 -8.89
C ARG A 435 -16.90 25.95 -8.82
N GLY A 436 -16.74 24.66 -9.12
CA GLY A 436 -15.91 24.21 -10.25
C GLY A 436 -14.45 24.07 -9.91
N ASN A 437 -14.08 24.16 -8.63
CA ASN A 437 -12.71 23.99 -8.14
C ASN A 437 -12.38 22.60 -7.67
N GLU A 438 -11.14 22.15 -7.92
CA GLU A 438 -10.81 20.77 -7.59
C GLU A 438 -10.83 20.58 -6.10
N VAL A 439 -11.37 19.46 -5.68
CA VAL A 439 -11.35 19.06 -4.25
C VAL A 439 -10.16 18.09 -4.06
N ASN A 440 -9.15 18.54 -3.33
CA ASN A 440 -7.96 17.71 -3.12
C ASN A 440 -8.10 16.70 -1.99
N PHE A 441 -7.32 15.62 -2.09
CA PHE A 441 -7.33 14.56 -1.09
C PHE A 441 -5.92 14.15 -0.80
N PRO A 442 -5.67 13.57 0.40
CA PRO A 442 -4.40 12.91 0.62
C PRO A 442 -4.14 11.90 -0.52
N ASP A 443 -2.88 11.83 -0.94
CA ASP A 443 -2.51 11.02 -2.10
C ASP A 443 -1.05 10.66 -1.90
N PHE A 444 -0.50 9.89 -2.79
CA PHE A 444 0.89 9.39 -2.60
C PHE A 444 1.95 10.45 -3.04
N ASN A 445 3.05 10.61 -2.33
CA ASN A 445 3.37 9.99 -1.07
C ASN A 445 3.25 11.11 -0.01
N HIS A 446 2.19 11.02 0.80
CA HIS A 446 1.81 12.06 1.77
C HIS A 446 1.73 13.46 1.12
N ILE A 447 1.17 13.52 -0.07
CA ILE A 447 0.84 14.82 -0.67
C ILE A 447 -0.59 15.19 -0.29
N GLU A 448 -0.85 16.48 -0.21
CA GLU A 448 -2.18 16.98 0.17
C GLU A 448 -2.95 17.59 -0.98
N ASN A 449 -2.30 17.73 -2.14
CA ASN A 449 -2.98 18.23 -3.38
C ASN A 449 -3.28 17.13 -4.36
N GLY A 450 -3.63 15.95 -3.86
CA GLY A 450 -3.95 14.83 -4.67
C GLY A 450 -5.37 14.81 -5.18
N GLN A 451 -5.71 13.69 -5.81
CA GLN A 451 -6.96 13.60 -6.54
C GLN A 451 -7.74 12.39 -6.03
N VAL A 452 -8.78 12.01 -6.71
CA VAL A 452 -9.66 10.93 -6.23
C VAL A 452 -9.06 9.56 -6.49
N ALA A 453 -8.68 9.33 -7.73
CA ALA A 453 -8.08 8.05 -8.16
C ALA A 453 -7.09 8.28 -9.31
N THR A 454 -6.11 7.40 -9.37
CA THR A 454 -5.09 7.44 -10.37
C THR A 454 -4.94 6.05 -11.01
N GLY A 455 -4.56 6.06 -12.29
CA GLY A 455 -4.13 4.84 -12.98
C GLY A 455 -3.20 5.10 -14.17
N TRP A 456 -2.53 4.04 -14.63
CA TRP A 456 -1.52 4.13 -15.71
C TRP A 456 -1.58 2.94 -16.65
N LEU A 457 -1.24 3.15 -17.92
CA LEU A 457 -1.01 2.01 -18.80
C LEU A 457 -0.06 2.33 -19.95
N ARG A 458 0.87 1.43 -20.21
CA ARG A 458 1.67 1.43 -21.44
C ARG A 458 0.89 0.56 -22.42
N VAL A 459 0.50 1.17 -23.53
CA VAL A 459 -0.47 0.56 -24.44
C VAL A 459 0.05 -0.75 -25.07
N SER A 460 1.36 -0.87 -25.30
CA SER A 460 1.90 -2.17 -25.75
C SER A 460 1.66 -3.31 -24.71
N HIS A 461 1.33 -2.94 -23.47
CA HIS A 461 1.00 -3.91 -22.41
C HIS A 461 -0.49 -4.10 -22.18
N ARG A 462 -1.31 -3.65 -23.11
CA ARG A 462 -2.78 -3.65 -22.90
C ARG A 462 -3.49 -5.01 -22.81
N GLU A 463 -2.84 -6.08 -23.23
CA GLU A 463 -3.57 -7.34 -23.38
C GLU A 463 -4.07 -7.83 -22.01
N LEU A 464 -5.38 -8.06 -21.94
CA LEU A 464 -6.05 -8.41 -20.69
C LEU A 464 -5.95 -9.90 -20.36
N ASP A 465 -5.77 -10.23 -19.08
CA ASP A 465 -6.00 -11.55 -18.53
C ASP A 465 -7.51 -11.66 -18.38
N GLN A 466 -8.10 -12.43 -19.26
CA GLN A 466 -9.55 -12.53 -19.30
C GLN A 466 -10.10 -13.15 -18.01
N GLU A 467 -9.46 -14.20 -17.50
N GLU A 467 -9.43 -14.19 -17.51
CA GLU A 467 -9.93 -14.87 -16.28
CA GLU A 467 -9.85 -14.90 -16.28
C GLU A 467 -9.93 -13.88 -15.11
C GLU A 467 -9.81 -14.04 -15.02
N LYS A 468 -8.84 -13.14 -14.93
CA LYS A 468 -8.68 -12.27 -13.76
C LYS A 468 -9.33 -10.88 -13.86
N SER A 469 -9.62 -10.43 -15.08
CA SER A 469 -10.25 -9.12 -15.27
C SER A 469 -11.70 -9.16 -14.87
N SER A 470 -12.20 -8.02 -14.45
CA SER A 470 -13.62 -7.83 -14.12
C SER A 470 -14.05 -6.56 -14.81
N ILE A 471 -15.34 -6.26 -14.75
CA ILE A 471 -15.82 -5.06 -15.40
C ILE A 471 -15.26 -3.77 -14.77
N ALA A 472 -14.98 -3.80 -13.46
CA ALA A 472 -14.42 -2.61 -12.80
C ALA A 472 -12.89 -2.58 -12.69
N GLN A 473 -12.28 -3.74 -12.78
CA GLN A 473 -10.84 -3.87 -12.59
C GLN A 473 -10.24 -4.68 -13.68
N PRO A 474 -9.63 -3.98 -14.66
CA PRO A 474 -8.88 -4.73 -15.67
C PRO A 474 -7.61 -5.33 -15.04
N TRP A 475 -7.22 -6.48 -15.55
CA TRP A 475 -6.00 -7.16 -15.18
C TRP A 475 -5.22 -7.46 -16.43
N HIS A 476 -3.98 -6.95 -16.49
CA HIS A 476 -3.15 -7.07 -17.69
C HIS A 476 -2.16 -8.18 -17.48
N LYS A 477 -2.00 -9.05 -18.49
CA LYS A 477 -1.05 -10.13 -18.44
C LYS A 477 0.38 -9.68 -18.30
N HIS A 478 0.73 -8.61 -19.02
CA HIS A 478 2.12 -8.11 -19.07
C HIS A 478 3.07 -9.20 -19.53
N GLU A 479 2.61 -10.02 -20.46
CA GLU A 479 3.37 -11.15 -20.96
C GLU A 479 4.19 -10.81 -22.20
N THR A 480 3.57 -10.13 -23.15
CA THR A 480 4.31 -9.73 -24.32
C THR A 480 3.89 -8.31 -24.74
N GLU A 481 4.76 -7.63 -25.46
CA GLU A 481 4.45 -6.25 -25.95
C GLU A 481 3.77 -6.29 -27.28
N LEU A 482 2.66 -5.59 -27.38
CA LEU A 482 1.96 -5.48 -28.65
C LEU A 482 2.20 -4.07 -29.17
N LYS A 483 3.29 -3.86 -29.92
CA LYS A 483 3.65 -2.51 -30.36
C LYS A 483 2.66 -2.06 -31.42
N LEU A 484 2.58 -0.77 -31.63
CA LEU A 484 1.56 -0.23 -32.53
C LEU A 484 2.11 0.19 -33.89
N SER A 485 1.27 0.12 -34.92
CA SER A 485 1.51 0.74 -36.24
C SER A 485 0.91 2.15 -36.31
N GLN A 486 1.43 2.96 -37.23
CA GLN A 486 0.84 4.29 -37.43
C GLN A 486 -0.67 4.20 -37.59
N ASP A 487 -1.36 4.96 -36.75
CA ASP A 487 -2.82 5.06 -36.78
C ASP A 487 -3.58 3.75 -36.52
N GLU A 488 -2.88 2.71 -36.01
CA GLU A 488 -3.57 1.56 -35.46
C GLU A 488 -4.35 2.01 -34.24
N ILE A 489 -5.68 1.93 -34.34
CA ILE A 489 -6.58 2.23 -33.26
C ILE A 489 -6.87 0.98 -32.41
N VAL A 490 -6.54 1.03 -31.11
CA VAL A 490 -6.70 -0.15 -30.23
C VAL A 490 -7.52 0.17 -28.98
N PRO A 491 -8.25 -0.85 -28.45
CA PRO A 491 -9.00 -0.66 -27.20
C PRO A 491 -8.12 -0.96 -26.02
N VAL A 492 -8.17 -0.11 -24.99
CA VAL A 492 -7.42 -0.26 -23.76
C VAL A 492 -8.36 -0.07 -22.60
N GLU A 493 -8.05 -0.74 -21.52
CA GLU A 493 -8.77 -0.57 -20.26
C GLU A 493 -7.77 -0.30 -19.18
N ILE A 494 -7.93 0.86 -18.56
CA ILE A 494 -7.01 1.39 -17.58
C ILE A 494 -7.57 1.17 -16.18
N GLU A 495 -6.78 0.51 -15.35
CA GLU A 495 -7.10 0.27 -13.90
C GLU A 495 -6.96 1.58 -13.06
N LEU A 496 -8.06 2.24 -12.79
CA LEU A 496 -8.09 3.25 -11.71
C LEU A 496 -8.09 2.48 -10.36
N LEU A 497 -7.14 2.82 -9.50
CA LEU A 497 -6.94 2.10 -8.27
C LEU A 497 -8.08 2.43 -7.32
N PRO A 498 -8.33 1.52 -6.35
CA PRO A 498 -9.52 1.65 -5.48
C PRO A 498 -9.56 2.97 -4.70
N SER A 499 -10.74 3.60 -4.71
CA SER A 499 -10.98 4.88 -4.07
C SER A 499 -12.42 4.93 -3.50
N GLY A 500 -12.63 5.74 -2.48
CA GLY A 500 -13.93 5.91 -1.83
C GLY A 500 -14.24 7.36 -1.64
N THR A 501 -15.30 7.84 -2.30
CA THR A 501 -15.55 9.27 -2.40
C THR A 501 -17.02 9.56 -2.57
N LEU A 502 -17.49 10.59 -1.87
CA LEU A 502 -18.82 11.17 -2.06
C LEU A 502 -18.74 12.25 -3.12
N PHE A 503 -19.68 12.22 -4.06
CA PHE A 503 -19.89 13.34 -4.98
C PHE A 503 -21.27 13.86 -4.62
N LYS A 504 -21.34 15.04 -4.02
CA LYS A 504 -22.62 15.63 -3.65
C LYS A 504 -23.35 16.16 -4.88
N GLN A 505 -24.66 16.30 -4.79
CA GLN A 505 -25.45 16.93 -5.83
C GLN A 505 -24.80 18.22 -6.20
N GLY A 506 -24.57 18.45 -7.50
CA GLY A 506 -23.91 19.66 -7.96
C GLY A 506 -22.42 19.57 -8.12
N GLU A 507 -21.82 18.53 -7.55
CA GLU A 507 -20.38 18.31 -7.70
C GLU A 507 -20.11 17.53 -8.97
N THR A 508 -18.86 17.54 -9.43
CA THR A 508 -18.49 16.96 -10.73
C THR A 508 -17.38 15.95 -10.63
N LEU A 509 -17.48 14.88 -11.38
CA LEU A 509 -16.38 13.95 -11.57
C LEU A 509 -15.76 14.27 -12.90
N GLU A 510 -14.45 14.29 -12.90
CA GLU A 510 -13.68 14.60 -14.10
C GLU A 510 -12.66 13.50 -14.34
N VAL A 511 -12.71 12.94 -15.55
CA VAL A 511 -11.67 12.07 -16.02
C VAL A 511 -10.64 12.92 -16.77
N VAL A 512 -9.35 12.70 -16.52
CA VAL A 512 -8.28 13.38 -17.23
C VAL A 512 -7.40 12.27 -17.84
N VAL A 513 -6.99 12.45 -19.09
CA VAL A 513 -6.06 11.56 -19.75
C VAL A 513 -4.92 12.44 -20.28
N LYS A 514 -3.68 11.99 -20.10
CA LYS A 514 -2.55 12.84 -20.37
C LYS A 514 -1.32 11.97 -20.68
N GLY A 515 -0.29 12.58 -21.27
CA GLY A 515 0.94 11.83 -21.54
C GLY A 515 1.99 11.88 -20.47
N SER A 516 1.65 12.45 -19.33
CA SER A 516 2.56 12.53 -18.21
C SER A 516 1.77 12.67 -16.90
N GLU A 517 2.48 12.71 -15.77
CA GLU A 517 1.83 12.73 -14.45
C GLU A 517 0.76 13.80 -14.37
N ILE A 518 -0.39 13.42 -13.80
CA ILE A 518 -1.49 14.34 -13.71
C ILE A 518 -1.33 15.36 -12.56
N VAL A 519 -1.08 14.85 -11.36
CA VAL A 519 -0.76 15.70 -10.24
C VAL A 519 0.75 15.81 -10.24
N ILE A 520 1.26 17.01 -10.22
CA ILE A 520 2.69 17.12 -10.30
C ILE A 520 3.30 17.38 -8.93
N GLY A 521 4.59 17.08 -8.83
CA GLY A 521 5.37 17.40 -7.63
C GLY A 521 5.25 16.37 -6.54
N ASN A 522 5.95 16.60 -5.47
CA ASN A 522 5.83 15.77 -4.31
C ASN A 522 5.93 16.67 -3.06
N SER A 523 6.00 16.05 -1.88
CA SER A 523 6.01 16.78 -0.62
C SER A 523 7.39 16.82 -0.01
N THR A 524 8.44 16.43 -0.77
CA THR A 524 9.82 16.47 -0.29
C THR A 524 10.72 16.94 -1.47
N PRO A 525 10.65 18.24 -1.83
CA PRO A 525 11.47 18.74 -2.97
C PRO A 525 12.95 18.30 -2.81
N GLY A 526 13.53 17.81 -3.90
CA GLY A 526 14.88 17.25 -3.87
C GLY A 526 15.07 15.78 -3.48
N MSE A 527 13.96 15.12 -3.11
N MSE A 527 13.99 15.12 -3.07
CA MSE A 527 13.99 13.73 -2.71
CA MSE A 527 14.04 13.71 -2.68
C MSE A 527 12.82 12.99 -3.30
C MSE A 527 12.84 12.98 -3.26
O MSE A 527 11.69 13.45 -3.20
O MSE A 527 11.71 13.43 -3.14
CB MSE A 527 13.93 13.64 -1.20
CB MSE A 527 14.03 13.58 -1.15
CG MSE A 527 14.03 12.26 -0.68
CG MSE A 527 15.20 14.28 -0.46
SE MSE A 527 14.05 12.31 1.27
SE MSE A 527 16.82 13.21 -0.49
CE MSE A 527 15.80 13.20 1.47
CE MSE A 527 17.63 13.74 -2.19
N LYS A 528 13.11 11.85 -3.92
CA LYS A 528 12.13 11.16 -4.74
C LYS A 528 11.22 10.22 -3.93
N THR A 529 10.43 10.81 -3.03
CA THR A 529 9.52 10.00 -2.21
C THR A 529 8.25 9.57 -2.94
N ARG A 530 7.91 10.27 -4.04
CA ARG A 530 6.74 9.90 -4.84
C ARG A 530 7.17 9.11 -6.06
N TYR A 531 6.25 8.32 -6.63
CA TYR A 531 6.52 7.75 -7.98
C TYR A 531 6.86 8.88 -8.96
N GLU A 532 7.71 8.56 -9.94
CA GLU A 532 7.91 9.37 -11.14
C GLU A 532 7.93 8.42 -12.34
N HIS A 533 7.68 8.97 -13.52
CA HIS A 533 7.69 8.16 -14.74
C HIS A 533 8.41 8.92 -15.84
N GLU A 534 9.70 9.13 -15.67
CA GLU A 534 10.46 9.98 -16.58
C GLU A 534 11.06 9.21 -17.76
N GLU A 535 10.89 7.89 -17.79
CA GLU A 535 11.32 7.11 -18.95
C GLU A 535 10.09 6.66 -19.73
N THR A 536 9.76 7.44 -20.76
CA THR A 536 8.48 7.35 -21.48
C THR A 536 8.73 6.92 -22.93
N VAL A 537 7.76 6.20 -23.52
CA VAL A 537 7.71 5.89 -24.99
C VAL A 537 6.96 6.94 -25.82
N ASN A 538 6.41 7.95 -25.17
CA ASN A 538 5.63 8.97 -25.83
C ASN A 538 6.37 9.87 -26.82
N LYS A 539 5.76 10.06 -27.97
CA LYS A 539 6.24 11.06 -28.92
C LYS A 539 5.02 11.57 -29.68
N GLY A 540 4.85 12.88 -29.70
CA GLY A 540 3.85 13.50 -30.57
C GLY A 540 2.44 13.35 -30.07
N MSE A 541 1.49 13.38 -30.98
CA MSE A 541 0.08 13.45 -30.62
C MSE A 541 -0.44 12.09 -30.23
O MSE A 541 -0.10 11.10 -30.82
CB MSE A 541 -0.76 13.98 -31.77
CG MSE A 541 -0.38 15.39 -32.19
SE MSE A 541 -0.88 16.70 -30.80
CE MSE A 541 0.60 17.98 -31.29
N HIS A 542 -1.24 12.08 -29.17
CA HIS A 542 -2.06 10.94 -28.83
C HIS A 542 -3.47 11.25 -29.29
N MSE A 543 -4.09 10.26 -29.92
N MSE A 543 -4.10 10.30 -29.99
CA MSE A 543 -5.50 10.29 -30.34
CA MSE A 543 -5.51 10.44 -30.34
C MSE A 543 -6.37 9.48 -29.42
C MSE A 543 -6.41 9.48 -29.56
O MSE A 543 -5.99 8.38 -29.08
O MSE A 543 -6.11 8.30 -29.46
CB MSE A 543 -5.63 9.63 -31.69
CB MSE A 543 -5.74 10.26 -31.85
CG MSE A 543 -4.63 10.14 -32.64
CG MSE A 543 -4.53 9.77 -32.64
SE MSE A 543 -5.35 11.74 -33.31
SE MSE A 543 -3.05 11.03 -32.86
CE MSE A 543 -6.14 10.95 -34.94
CE MSE A 543 -1.76 9.92 -33.80
N ILE A 544 -7.54 10.00 -29.09
CA ILE A 544 -8.53 9.28 -28.25
C ILE A 544 -9.90 9.29 -28.98
N TYR A 545 -10.43 8.11 -29.26
CA TYR A 545 -11.63 7.98 -30.07
C TYR A 545 -12.83 7.67 -29.20
N THR A 546 -13.93 8.35 -29.47
CA THR A 546 -15.17 8.13 -28.75
C THR A 546 -16.33 8.05 -29.72
N GLY A 547 -17.37 7.33 -29.31
CA GLY A 547 -18.61 7.27 -30.10
C GLY A 547 -18.62 6.16 -31.13
N GLY A 548 -19.82 5.76 -31.53
CA GLY A 548 -19.97 4.69 -32.55
C GLY A 548 -19.37 3.40 -32.02
N LYS A 549 -18.56 2.70 -32.82
CA LYS A 549 -17.84 1.51 -32.34
C LYS A 549 -16.81 1.80 -31.25
N TYR A 550 -16.42 3.07 -31.09
CA TYR A 550 -15.38 3.41 -30.11
C TYR A 550 -16.03 3.70 -28.76
N ASP A 551 -16.47 2.66 -28.07
CA ASP A 551 -17.27 2.81 -26.84
C ASP A 551 -16.40 3.12 -25.62
N SER A 552 -15.62 4.18 -25.73
CA SER A 552 -14.85 4.69 -24.63
C SER A 552 -15.81 5.05 -23.50
N GLN A 553 -15.54 4.57 -22.31
CA GLN A 553 -16.44 4.76 -21.17
C GLN A 553 -15.66 4.57 -19.88
N LEU A 554 -16.19 5.16 -18.80
CA LEU A 554 -15.71 4.99 -17.45
C LEU A 554 -16.72 4.16 -16.66
N ILE A 555 -16.31 3.02 -16.14
CA ILE A 555 -17.17 2.23 -15.26
C ILE A 555 -16.95 2.74 -13.81
N ILE A 556 -18.02 3.16 -13.15
CA ILE A 556 -17.96 3.69 -11.81
C ILE A 556 -18.73 2.81 -10.83
N PRO A 557 -18.20 2.60 -9.60
CA PRO A 557 -18.80 1.69 -8.61
C PRO A 557 -19.76 2.44 -7.70
N ILE A 558 -21.01 2.55 -8.11
CA ILE A 558 -21.98 3.32 -7.36
C ILE A 558 -22.47 2.44 -6.21
N VAL A 559 -22.39 2.96 -5.01
CA VAL A 559 -22.86 2.23 -3.82
C VAL A 559 -23.82 3.06 -2.94
N ASN A 560 -24.49 2.44 -2.00
CA ASN A 560 -25.18 3.20 -0.88
C ASN A 560 -26.29 4.21 -1.31
NI NI B . 16.27 11.65 29.37
CL CL C . -1.01 -12.33 -12.66
CL CL D . -26.66 11.85 -10.97
CL CL E . -19.94 -8.00 8.10
CL CL F . -15.12 -2.56 -6.90
C1 PLM G . 8.80 2.74 3.29
O1 PLM G . 8.75 1.51 3.43
O2 PLM G . 7.73 3.36 3.19
C2 PLM G . 10.14 3.40 3.23
C3 PLM G . 10.05 4.92 3.31
C4 PLM G . 11.38 5.66 3.40
C5 PLM G . 11.25 7.15 3.79
C6 PLM G . 12.40 8.09 3.33
C7 PLM G . 13.09 9.04 4.34
C8 PLM G . 12.61 10.52 4.39
#